data_1HMH
#
_entry.id   1HMH
#
_cell.length_a   89.740
_cell.length_b   89.740
_cell.length_c   185.780
_cell.angle_alpha   90.00
_cell.angle_beta   90.00
_cell.angle_gamma   120.00
#
_symmetry.space_group_name_H-M   'P 32 2 1'
#
loop_
_entity.id
_entity.type
_entity.pdbx_description
1 polymer 'HAMMERHEAD RIBOZYME-RNA STRAND'
2 polymer 'HAMMERHEAD RIBOZYME-DNA STRAND'
#
loop_
_entity_poly.entity_id
_entity_poly.type
_entity_poly.pdbx_seq_one_letter_code
_entity_poly.pdbx_strand_id
1 'polyribonucleotide' GGCGACCCUGAUGAGGCCGAAAGGCCGAAACCGU A,C,E
2 'polydeoxyribonucleotide' (DA)(DC)(DG)(DG)(DT)(DC)(DG)(DG)(DT)(DC)(DG)(DC)(DC) B,D,F
#
loop_
_chem_comp.id
_chem_comp.type
_chem_comp.name
_chem_comp.formula
A RNA linking ADENOSINE-5'-MONOPHOSPHATE 'C10 H14 N5 O7 P'
C RNA linking CYTIDINE-5'-MONOPHOSPHATE 'C9 H14 N3 O8 P'
DA DNA linking 2'-DEOXYADENOSINE-5'-MONOPHOSPHATE 'C10 H14 N5 O6 P'
DC DNA linking 2'-DEOXYCYTIDINE-5'-MONOPHOSPHATE 'C9 H14 N3 O7 P'
DG DNA linking 2'-DEOXYGUANOSINE-5'-MONOPHOSPHATE 'C10 H14 N5 O7 P'
DT DNA linking THYMIDINE-5'-MONOPHOSPHATE 'C10 H15 N2 O8 P'
G RNA linking GUANOSINE-5'-MONOPHOSPHATE 'C10 H14 N5 O8 P'
U RNA linking URIDINE-5'-MONOPHOSPHATE 'C9 H13 N2 O9 P'
#